data_8UWC
#
_entry.id   8UWC
#
_cell.length_a   1.00
_cell.length_b   1.00
_cell.length_c   1.00
_cell.angle_alpha   90.00
_cell.angle_beta   90.00
_cell.angle_gamma   90.00
#
_symmetry.space_group_name_H-M   'P 1'
#
loop_
_entity.id
_entity.type
_entity.pdbx_description
1 polymer 'Membrane-bound transcription factor site-1 protease'
2 non-polymer 2-acetamido-2-deoxy-beta-D-glucopyranose
3 water water
#
_entity_poly.entity_id   1
_entity_poly.type   'polypeptide(L)'
_entity_poly.pdbx_seq_one_letter_code
;METDTLLLWVLLLWVPGSTGDYKDDDDKDRLEKKSFEKAPCPGCSHLTLKVEFSSTVVEYEYIVAFNGYFTAKARNSFIS
SALKSSEVDNWRIIPRNNPSSDYPSDFEVIQIKEKQKAGLLTLEDHPNIKRVTPQRKVFRSLKYAESDPTVPCNETRWSQ
KWQSSRPLRRASLSLGSGFWHATGRHSSRRLLRAIPRQVAQTLQADVLWQMGYTGANVRVAVFDTGLSEKHPHFKNVKER
TNWTNERTLDDGLGHGTFVAGVIASMRECQGFAPDAELHIFRVFTNNQVSYTSWFLDAFNYAILKKIDVLNLSIGGPDFM
DHPFVDKVWELTANNVIMVSAIGNDGPLYGTLNNPADQMDVIGVGGIDFEDNIARFSSRGMTTWELPGGYGRMKPDIVTY
GAGVRGSGVKGGCRALSGTSVASPVVAGAVTLLVSTVQKRELVNPASMKQALIASARRLPGVNMFEQGHGKLDLLRAYQI
LNSYKPQASLSPSYIDLTECPYMWPYCSQPIYYGGMPTVVNVTILNGMGVTGRIVDKPDWQPYLPQNGDNIEVAFSYSSV
LWPWSGYLAISISVTKKAASWEGIAQGHVMITVASPAETESKNGAEQTSTVKLPIKVKIIPTPPRSKRVLWDQYHNLRYP
PGYFPRDNLRMKNDPLDWNGDHIHTNFRDMYQHLRSMGYFVEVLGAPFTCFDASQYGTLLMVDSEEEYFPEEIAKLRRDV
DNGLSLVIFSDWYNTSVMRKVKFYDENTRQWWMPDTGGANIPALNELLSVWNMGFSDGLYEGEFTLANHDMYYASGCSIA
KFPEDGVVITQTFKDQGLEVLKQETAVVENVPILGLYQIPAEGGGRIVLYGDSNCLDDSHRQKDCFWLLDALLQYTSYGV
TPPSLSHSGNRQRPPSGAGSVTPERMEGNHLHRYSKVLEAHLGDPKPRPLPACPRLSWAKPQPLNETAPSNLWKHQKLLS
IDLDKVVLPNFRSNRPQVRPLSPGESGAWDIPGGIMPGRYNQEVHHHHHHHHHH
;
_entity_poly.pdbx_strand_id   A
#
# COMPACT_ATOMS: atom_id res chain seq x y z
N THR A 48 -15.93 12.54 12.47
CA THR A 48 -17.24 12.00 12.01
C THR A 48 -17.21 10.49 11.88
N LEU A 49 -16.30 9.99 11.05
CA LEU A 49 -16.14 8.56 10.84
C LEU A 49 -14.79 8.11 11.40
N LYS A 50 -14.82 7.13 12.28
CA LYS A 50 -13.61 6.57 12.89
C LYS A 50 -13.50 5.09 12.53
N VAL A 51 -12.30 4.69 12.12
CA VAL A 51 -12.06 3.31 11.70
C VAL A 51 -11.03 2.65 12.61
N GLU A 52 -11.50 1.97 13.65
CA GLU A 52 -10.66 1.14 14.49
C GLU A 52 -10.66 -0.29 13.97
N PHE A 53 -9.93 -1.16 14.66
CA PHE A 53 -9.86 -2.57 14.31
C PHE A 53 -9.59 -3.41 15.55
N SER A 54 -9.94 -4.69 15.44
CA SER A 54 -9.57 -5.69 16.43
C SER A 54 -9.56 -7.03 15.73
N SER A 55 -8.73 -7.95 16.22
CA SER A 55 -8.57 -9.23 15.56
C SER A 55 -8.42 -10.31 16.62
N THR A 56 -8.59 -11.56 16.17
CA THR A 56 -8.47 -12.72 17.04
C THR A 56 -8.11 -13.91 16.18
N VAL A 57 -7.64 -14.97 16.83
CA VAL A 57 -7.36 -16.24 16.18
C VAL A 57 -8.51 -17.18 16.52
N VAL A 58 -9.01 -17.90 15.53
CA VAL A 58 -10.09 -18.85 15.76
C VAL A 58 -9.49 -20.21 16.08
N GLU A 59 -9.87 -20.77 17.23
CA GLU A 59 -9.24 -21.98 17.72
C GLU A 59 -9.28 -23.09 16.68
N TYR A 60 -8.18 -23.81 16.56
CA TYR A 60 -8.04 -25.06 15.82
C TYR A 60 -8.04 -24.89 14.32
N GLU A 61 -8.25 -23.69 13.79
CA GLU A 61 -8.31 -23.50 12.36
C GLU A 61 -7.01 -22.87 11.88
N TYR A 62 -6.49 -23.37 10.77
CA TYR A 62 -5.18 -22.99 10.30
C TYR A 62 -5.23 -22.70 8.82
N ILE A 63 -4.50 -21.68 8.42
CA ILE A 63 -4.22 -21.47 7.02
C ILE A 63 -2.98 -22.27 6.69
N VAL A 64 -3.09 -23.12 5.68
CA VAL A 64 -2.00 -23.98 5.26
C VAL A 64 -1.53 -23.42 3.94
N ALA A 65 -0.51 -22.57 4.02
CA ALA A 65 0.10 -21.97 2.86
C ALA A 65 0.98 -23.00 2.17
N PHE A 66 0.85 -23.09 0.86
CA PHE A 66 1.59 -24.05 0.06
C PHE A 66 2.73 -23.35 -0.68
N ASN A 67 3.69 -24.16 -1.10
CA ASN A 67 4.79 -23.71 -1.91
C ASN A 67 4.37 -23.43 -3.34
N GLY A 68 3.08 -23.45 -3.61
CA GLY A 68 2.59 -23.22 -4.95
C GLY A 68 1.07 -23.21 -4.98
N TYR A 69 0.55 -23.43 -6.17
CA TYR A 69 -0.85 -23.27 -6.51
C TYR A 69 -1.43 -24.63 -6.88
N PHE A 70 -2.31 -25.16 -6.04
CA PHE A 70 -2.71 -26.57 -6.13
C PHE A 70 -4.22 -26.72 -6.31
N THR A 71 -4.62 -27.85 -6.92
CA THR A 71 -6.02 -28.25 -6.91
C THR A 71 -6.40 -28.80 -5.54
N ALA A 72 -7.71 -28.92 -5.32
CA ALA A 72 -8.24 -29.20 -3.99
C ALA A 72 -7.79 -30.57 -3.49
N LYS A 73 -7.81 -31.58 -4.37
CA LYS A 73 -7.42 -32.91 -3.96
C LYS A 73 -5.94 -33.01 -3.64
N ALA A 74 -5.10 -32.29 -4.40
CA ALA A 74 -3.67 -32.28 -4.11
C ALA A 74 -3.40 -31.72 -2.73
N ARG A 75 -4.04 -30.60 -2.40
CA ARG A 75 -3.85 -30.02 -1.09
C ARG A 75 -4.28 -30.99 0.00
N ASN A 76 -5.44 -31.64 -0.21
CA ASN A 76 -5.93 -32.63 0.75
C ASN A 76 -4.95 -33.78 0.91
N SER A 77 -4.39 -34.28 -0.20
CA SER A 77 -3.49 -35.42 -0.12
C SER A 77 -2.15 -35.04 0.52
N PHE A 78 -1.59 -33.87 0.22
CA PHE A 78 -0.39 -33.44 0.95
C PHE A 78 -0.67 -33.41 2.44
N ILE A 79 -1.78 -32.80 2.83
CA ILE A 79 -2.05 -32.68 4.25
C ILE A 79 -2.28 -34.06 4.86
N SER A 80 -2.91 -34.99 4.11
CA SER A 80 -3.20 -36.30 4.68
C SER A 80 -1.96 -37.18 4.76
N SER A 81 -1.05 -37.10 3.79
CA SER A 81 0.21 -37.79 3.97
C SER A 81 0.97 -37.21 5.15
N ALA A 82 1.16 -35.89 5.20
CA ALA A 82 1.88 -35.29 6.30
C ALA A 82 1.26 -35.69 7.63
N LEU A 83 -0.05 -35.94 7.63
CA LEU A 83 -0.68 -36.40 8.85
C LEU A 83 -0.77 -37.93 8.91
N LYS A 84 -0.18 -38.63 7.94
CA LYS A 84 0.08 -40.06 8.07
C LYS A 84 1.40 -40.29 8.78
N SER A 85 2.45 -39.59 8.36
CA SER A 85 3.68 -39.58 9.12
C SER A 85 3.41 -39.24 10.58
N SER A 86 2.48 -38.31 10.82
CA SER A 86 2.17 -37.85 12.16
C SER A 86 1.24 -38.82 12.88
N GLU A 87 1.10 -38.62 14.18
CA GLU A 87 0.22 -39.41 15.03
C GLU A 87 -1.09 -38.70 15.35
N VAL A 88 -1.39 -37.58 14.70
CA VAL A 88 -2.59 -36.80 14.97
C VAL A 88 -3.66 -37.24 13.97
N ASP A 89 -4.80 -37.65 14.49
CA ASP A 89 -5.89 -38.21 13.69
C ASP A 89 -7.10 -37.28 13.60
N ASN A 90 -7.32 -36.46 14.62
CA ASN A 90 -8.49 -35.60 14.71
C ASN A 90 -8.25 -34.33 13.90
N TRP A 91 -8.40 -34.44 12.59
CA TRP A 91 -8.26 -33.29 11.73
C TRP A 91 -9.27 -33.39 10.60
N ARG A 92 -9.56 -32.23 10.00
CA ARG A 92 -10.51 -32.15 8.89
C ARG A 92 -10.20 -30.89 8.10
N ILE A 93 -10.47 -30.95 6.80
CA ILE A 93 -10.47 -29.73 6.01
C ILE A 93 -11.81 -29.03 6.16
N ILE A 94 -11.76 -27.75 6.49
CA ILE A 94 -12.94 -26.90 6.52
C ILE A 94 -13.07 -26.24 5.16
N PRO A 95 -13.87 -26.77 4.24
CA PRO A 95 -13.83 -26.31 2.85
C PRO A 95 -14.57 -24.99 2.65
N ARG A 96 -14.40 -24.43 1.46
CA ARG A 96 -14.74 -23.04 1.19
C ARG A 96 -15.65 -22.96 -0.03
N ASN A 97 -16.73 -22.19 0.08
CA ASN A 97 -17.70 -22.01 -1.01
C ASN A 97 -17.67 -20.55 -1.45
N ASN A 98 -17.03 -20.29 -2.56
CA ASN A 98 -16.96 -18.93 -3.05
C ASN A 98 -16.48 -18.91 -4.50
N PRO A 99 -16.33 -17.75 -5.13
CA PRO A 99 -15.90 -17.74 -6.54
C PRO A 99 -14.49 -18.22 -6.75
N SER A 100 -13.68 -18.32 -5.69
CA SER A 100 -12.34 -18.87 -5.83
C SER A 100 -12.30 -20.40 -5.69
N SER A 101 -13.37 -21.02 -5.21
CA SER A 101 -13.37 -22.47 -5.00
C SER A 101 -13.25 -23.22 -6.31
N ASP A 102 -13.50 -22.55 -7.42
CA ASP A 102 -13.44 -23.13 -8.75
C ASP A 102 -12.05 -23.07 -9.34
N TYR A 103 -11.06 -22.75 -8.52
CA TYR A 103 -9.73 -22.44 -8.97
C TYR A 103 -8.72 -23.16 -8.09
N PRO A 104 -7.59 -23.56 -8.67
CA PRO A 104 -6.50 -24.09 -7.83
C PRO A 104 -6.08 -23.04 -6.82
N SER A 105 -5.67 -23.48 -5.66
CA SER A 105 -5.40 -22.54 -4.60
C SER A 105 -3.99 -22.78 -4.06
N ASP A 106 -3.46 -21.74 -3.41
CA ASP A 106 -2.20 -21.84 -2.69
C ASP A 106 -2.38 -21.94 -1.19
N PHE A 107 -3.60 -22.18 -0.71
CA PHE A 107 -3.79 -22.41 0.71
C PHE A 107 -4.99 -23.32 0.92
N GLU A 108 -5.19 -23.66 2.19
CA GLU A 108 -6.23 -24.57 2.64
C GLU A 108 -6.50 -24.27 4.10
N VAL A 109 -7.76 -24.40 4.49
CA VAL A 109 -8.19 -24.20 5.88
C VAL A 109 -8.47 -25.56 6.48
N ILE A 110 -7.83 -25.87 7.59
CA ILE A 110 -7.98 -27.17 8.23
C ILE A 110 -8.21 -26.94 9.70
N GLN A 111 -8.80 -27.94 10.35
CA GLN A 111 -8.95 -27.94 11.80
C GLN A 111 -8.07 -29.03 12.41
N ILE A 112 -7.62 -28.79 13.63
CA ILE A 112 -6.90 -29.77 14.43
C ILE A 112 -7.28 -29.56 15.89
N LYS A 113 -7.64 -30.63 16.59
CA LYS A 113 -8.02 -30.53 17.98
C LYS A 113 -7.19 -31.39 18.92
N GLU A 114 -6.56 -32.46 18.43
CA GLU A 114 -5.96 -33.45 19.32
C GLU A 114 -4.59 -33.00 19.81
N LYS A 115 -3.63 -32.83 18.89
CA LYS A 115 -2.29 -32.32 19.22
C LYS A 115 -1.85 -31.47 18.04
N GLN A 116 -1.82 -30.15 18.27
CA GLN A 116 -1.63 -29.22 17.16
C GLN A 116 -0.15 -29.00 16.85
N LYS A 117 0.70 -28.99 17.88
CA LYS A 117 2.11 -28.70 17.65
C LYS A 117 2.75 -29.76 16.76
N ALA A 118 2.53 -31.03 17.09
CA ALA A 118 3.05 -32.09 16.23
C ALA A 118 2.46 -32.00 14.83
N GLY A 119 1.16 -31.71 14.73
CA GLY A 119 0.52 -31.59 13.44
C GLY A 119 1.11 -30.49 12.58
N LEU A 120 1.26 -29.30 13.15
CA LEU A 120 1.78 -28.18 12.36
C LEU A 120 3.27 -28.35 12.08
N LEU A 121 4.01 -28.96 13.02
CA LEU A 121 5.42 -29.24 12.79
C LEU A 121 5.60 -30.25 11.67
N THR A 122 4.74 -31.26 11.62
CA THR A 122 4.81 -32.26 10.57
C THR A 122 4.38 -31.70 9.23
N LEU A 123 3.34 -30.86 9.22
CA LEU A 123 2.89 -30.25 7.98
C LEU A 123 3.96 -29.32 7.43
N GLU A 124 4.51 -28.45 8.28
CA GLU A 124 5.57 -27.55 7.86
C GLU A 124 6.74 -28.33 7.29
N ASP A 125 7.06 -29.48 7.87
CA ASP A 125 8.12 -30.34 7.36
C ASP A 125 7.77 -31.03 6.06
N HIS A 126 6.51 -31.02 5.65
CA HIS A 126 6.15 -31.51 4.33
C HIS A 126 6.87 -30.65 3.29
N PRO A 127 7.37 -31.25 2.21
CA PRO A 127 8.03 -30.44 1.19
C PRO A 127 7.15 -29.34 0.63
N ASN A 128 5.96 -29.67 0.13
CA ASN A 128 5.12 -28.72 -0.58
C ASN A 128 4.48 -27.67 0.31
N ILE A 129 4.51 -27.85 1.62
CA ILE A 129 3.77 -26.98 2.53
C ILE A 129 4.69 -25.91 3.09
N LYS A 130 4.51 -24.69 2.60
CA LYS A 130 5.37 -23.55 2.88
C LYS A 130 5.27 -23.08 4.31
N ARG A 131 4.06 -22.87 4.82
CA ARG A 131 3.90 -22.39 6.18
C ARG A 131 2.47 -22.71 6.62
N VAL A 132 2.30 -22.84 7.93
CA VAL A 132 0.99 -22.98 8.52
C VAL A 132 0.85 -21.90 9.57
N THR A 133 -0.23 -21.11 9.45
CA THR A 133 -0.50 -19.97 10.31
C THR A 133 -1.95 -20.05 10.73
N PRO A 134 -2.29 -19.58 11.93
CA PRO A 134 -3.69 -19.66 12.38
C PRO A 134 -4.62 -18.76 11.58
N GLN A 135 -5.89 -19.19 11.53
CA GLN A 135 -6.97 -18.37 10.98
C GLN A 135 -7.26 -17.22 11.93
N ARG A 136 -7.53 -16.05 11.36
CA ARG A 136 -7.78 -14.84 12.14
C ARG A 136 -9.11 -14.20 11.74
N LYS A 137 -9.73 -13.53 12.70
CA LYS A 137 -11.04 -12.91 12.53
C LYS A 137 -10.97 -11.42 12.87
N VAL A 138 -11.16 -10.58 11.86
CA VAL A 138 -11.02 -9.13 12.00
C VAL A 138 -12.40 -8.48 12.08
N PHE A 139 -12.43 -7.30 12.69
CA PHE A 139 -13.64 -6.53 12.93
C PHE A 139 -13.37 -5.06 12.64
N ARG A 140 -13.76 -4.61 11.44
CA ARG A 140 -13.57 -3.22 11.03
C ARG A 140 -14.63 -2.37 11.72
N SER A 141 -14.21 -1.58 12.71
CA SER A 141 -15.13 -0.73 13.48
C SER A 141 -15.28 0.60 12.75
N LEU A 142 -16.42 0.77 12.08
CA LEU A 142 -16.80 2.05 11.53
C LEU A 142 -17.59 2.85 12.55
N LYS A 143 -17.04 3.98 12.98
CA LYS A 143 -17.64 4.78 14.05
C LYS A 143 -17.89 6.21 13.57
N ARG A 197 -19.35 20.45 -1.69
CA ARG A 197 -18.16 20.43 -2.53
C ARG A 197 -18.23 19.30 -3.54
N GLN A 198 -18.01 19.64 -4.82
CA GLN A 198 -17.68 18.63 -5.82
C GLN A 198 -16.19 18.37 -5.68
N VAL A 199 -15.86 17.30 -4.95
CA VAL A 199 -14.48 17.06 -4.56
C VAL A 199 -13.63 16.71 -5.79
N ALA A 200 -14.21 16.00 -6.75
CA ALA A 200 -13.47 15.74 -7.99
C ALA A 200 -13.23 17.01 -8.78
N GLN A 201 -14.10 18.02 -8.59
CA GLN A 201 -13.96 19.33 -9.22
C GLN A 201 -13.13 20.27 -8.36
N THR A 202 -13.26 20.17 -7.04
CA THR A 202 -12.36 20.86 -6.13
C THR A 202 -10.91 20.43 -6.34
N LEU A 203 -10.68 19.23 -6.87
CA LEU A 203 -9.40 18.78 -7.38
C LEU A 203 -9.24 19.00 -8.87
N GLN A 204 -10.20 19.65 -9.52
CA GLN A 204 -10.16 19.91 -10.96
C GLN A 204 -10.08 18.63 -11.78
N ALA A 205 -10.78 17.58 -11.36
CA ALA A 205 -10.96 16.43 -12.24
C ALA A 205 -11.87 16.75 -13.41
N ASP A 206 -12.59 17.88 -13.34
CA ASP A 206 -13.28 18.45 -14.48
C ASP A 206 -12.35 18.63 -15.67
N VAL A 207 -11.15 19.15 -15.43
CA VAL A 207 -10.21 19.41 -16.52
C VAL A 207 -9.82 18.11 -17.18
N LEU A 208 -9.65 17.04 -16.40
CA LEU A 208 -9.41 15.73 -16.98
C LEU A 208 -10.64 15.19 -17.69
N TRP A 209 -11.81 15.26 -17.05
CA TRP A 209 -13.06 14.95 -17.74
C TRP A 209 -13.17 15.74 -19.02
N GLN A 210 -12.84 17.04 -18.96
CA GLN A 210 -12.94 17.89 -20.14
C GLN A 210 -12.07 17.35 -21.28
N MET A 211 -10.84 16.91 -20.97
CA MET A 211 -9.97 16.30 -21.97
C MET A 211 -10.51 14.98 -22.50
N GLY A 212 -11.41 14.33 -21.77
CA GLY A 212 -11.87 13.00 -22.14
C GLY A 212 -11.28 11.88 -21.32
N TYR A 213 -10.89 12.16 -20.08
CA TYR A 213 -10.44 11.13 -19.14
C TYR A 213 -11.47 11.03 -18.04
N THR A 214 -12.07 9.86 -17.92
CA THR A 214 -13.16 9.62 -16.98
C THR A 214 -12.98 8.34 -16.20
N GLY A 215 -12.05 7.47 -16.59
CA GLY A 215 -11.82 6.21 -15.91
C GLY A 215 -12.08 4.99 -16.74
N ALA A 216 -12.21 5.15 -18.06
CA ALA A 216 -12.59 4.05 -18.92
C ALA A 216 -11.55 2.95 -18.88
N ASN A 217 -12.02 1.70 -18.90
CA ASN A 217 -11.17 0.53 -18.99
C ASN A 217 -10.10 0.50 -17.89
N VAL A 218 -10.48 0.92 -16.69
CA VAL A 218 -9.64 0.78 -15.51
C VAL A 218 -10.45 0.01 -14.51
N ARG A 219 -10.00 -1.19 -14.17
CA ARG A 219 -10.70 -2.04 -13.22
C ARG A 219 -10.28 -1.66 -11.82
N VAL A 220 -11.15 -1.00 -11.10
CA VAL A 220 -10.93 -0.67 -9.70
C VAL A 220 -11.81 -1.63 -8.92
N ALA A 221 -11.39 -1.96 -7.70
CA ALA A 221 -12.08 -2.92 -6.88
C ALA A 221 -12.20 -2.37 -5.47
N VAL A 222 -13.34 -2.60 -4.85
CA VAL A 222 -13.62 -2.10 -3.52
C VAL A 222 -13.73 -3.32 -2.62
N PHE A 223 -12.87 -3.39 -1.61
CA PHE A 223 -12.91 -4.48 -0.64
C PHE A 223 -13.66 -3.94 0.56
N ASP A 224 -14.98 -4.09 0.51
CA ASP A 224 -15.87 -3.45 1.47
C ASP A 224 -17.16 -4.28 1.62
N THR A 225 -18.25 -3.66 2.07
CA THR A 225 -19.47 -4.40 2.40
C THR A 225 -20.45 -4.52 1.24
N GLY A 226 -20.00 -4.39 0.01
CA GLY A 226 -20.88 -4.61 -1.12
C GLY A 226 -21.56 -3.34 -1.64
N LEU A 227 -22.41 -3.57 -2.64
CA LEU A 227 -23.09 -2.51 -3.39
C LEU A 227 -24.42 -3.07 -3.87
N SER A 228 -25.51 -2.45 -3.43
CA SER A 228 -26.85 -2.87 -3.81
C SER A 228 -26.96 -3.08 -5.31
N GLU A 229 -27.89 -3.96 -5.69
CA GLU A 229 -27.99 -4.38 -7.07
C GLU A 229 -28.58 -3.27 -7.94
N LYS A 230 -29.44 -2.44 -7.36
CA LYS A 230 -30.21 -1.48 -8.13
C LYS A 230 -29.84 -0.05 -7.77
N HIS A 231 -28.55 0.24 -7.69
CA HIS A 231 -28.08 1.59 -7.42
C HIS A 231 -27.96 2.39 -8.71
N PRO A 232 -28.60 3.56 -8.82
CA PRO A 232 -28.54 4.35 -10.06
C PRO A 232 -27.30 5.22 -10.26
N HIS A 233 -26.41 5.35 -9.29
CA HIS A 233 -25.28 6.26 -9.42
C HIS A 233 -24.10 5.62 -10.14
N PHE A 234 -24.24 4.39 -10.61
CA PHE A 234 -23.16 3.67 -11.27
C PHE A 234 -23.64 3.15 -12.60
N LYS A 235 -22.71 2.98 -13.53
CA LYS A 235 -23.06 2.51 -14.87
C LYS A 235 -22.29 1.28 -15.32
N ASN A 236 -21.15 0.97 -14.71
CA ASN A 236 -20.31 -0.12 -15.21
C ASN A 236 -19.83 -0.99 -14.05
N VAL A 237 -20.77 -1.45 -13.23
CA VAL A 237 -20.46 -2.52 -12.30
C VAL A 237 -20.35 -3.81 -13.10
N LYS A 238 -19.19 -4.45 -13.05
CA LYS A 238 -18.96 -5.70 -13.76
C LYS A 238 -19.41 -6.89 -12.93
N GLU A 239 -19.08 -6.90 -11.64
CA GLU A 239 -19.37 -8.06 -10.81
C GLU A 239 -19.46 -7.67 -9.33
N ARG A 240 -20.22 -8.46 -8.58
CA ARG A 240 -20.37 -8.33 -7.13
C ARG A 240 -20.10 -9.68 -6.46
N THR A 241 -18.96 -10.27 -6.75
CA THR A 241 -18.56 -11.51 -6.07
C THR A 241 -18.68 -11.34 -4.56
N ASN A 242 -18.95 -12.44 -3.87
CA ASN A 242 -19.03 -12.43 -2.42
C ASN A 242 -18.06 -13.46 -1.84
N TRP A 243 -17.63 -13.18 -0.60
CA TRP A 243 -16.62 -13.94 0.12
C TRP A 243 -16.98 -14.12 1.57
N THR A 244 -18.11 -13.59 2.02
CA THR A 244 -18.56 -13.79 3.38
C THR A 244 -19.46 -15.02 3.47
N ASN A 245 -19.78 -15.39 4.70
CA ASN A 245 -20.78 -16.43 4.92
C ASN A 245 -22.20 -15.90 4.79
N GLU A 246 -22.41 -14.59 4.89
CA GLU A 246 -23.72 -14.01 4.66
C GLU A 246 -24.06 -14.05 3.17
N ARG A 247 -25.32 -14.34 2.88
CA ARG A 247 -25.81 -14.54 1.52
C ARG A 247 -26.42 -13.25 0.97
N THR A 248 -25.57 -12.24 0.81
CA THR A 248 -25.97 -10.95 0.29
C THR A 248 -24.81 -10.37 -0.50
N LEU A 249 -25.11 -9.78 -1.65
CA LEU A 249 -24.13 -9.01 -2.40
C LEU A 249 -24.27 -7.51 -2.19
N ASP A 250 -25.39 -7.08 -1.61
CA ASP A 250 -25.77 -5.68 -1.42
C ASP A 250 -25.04 -5.07 -0.24
N ASP A 251 -25.14 -3.75 -0.12
CA ASP A 251 -24.53 -3.01 0.99
C ASP A 251 -25.56 -2.70 2.07
N GLY A 252 -25.26 -3.09 3.32
CA GLY A 252 -26.16 -2.86 4.42
C GLY A 252 -25.85 -1.67 5.30
N LEU A 253 -24.68 -1.06 5.15
CA LEU A 253 -24.37 0.19 5.88
C LEU A 253 -23.90 1.33 4.97
N GLY A 254 -23.34 1.05 3.80
CA GLY A 254 -23.02 2.06 2.83
C GLY A 254 -21.55 2.22 2.53
N HIS A 255 -20.66 2.05 3.52
CA HIS A 255 -19.26 2.39 3.34
C HIS A 255 -18.75 1.98 1.97
N GLY A 256 -19.06 0.76 1.54
CA GLY A 256 -18.68 0.36 0.20
C GLY A 256 -19.33 1.20 -0.87
N THR A 257 -20.58 1.61 -0.65
CA THR A 257 -21.30 2.48 -1.58
C THR A 257 -20.67 3.86 -1.61
N PHE A 258 -20.30 4.40 -0.46
CA PHE A 258 -19.61 5.68 -0.42
C PHE A 258 -18.28 5.63 -1.19
N VAL A 259 -17.49 4.56 -0.97
CA VAL A 259 -16.21 4.42 -1.65
C VAL A 259 -16.39 4.30 -3.15
N ALA A 260 -17.32 3.43 -3.57
CA ALA A 260 -17.55 3.27 -5.00
C ALA A 260 -18.04 4.56 -5.62
N GLY A 261 -18.85 5.33 -4.89
CA GLY A 261 -19.35 6.58 -5.43
C GLY A 261 -18.26 7.61 -5.62
N VAL A 262 -17.41 7.79 -4.61
CA VAL A 262 -16.27 8.68 -4.76
C VAL A 262 -15.43 8.28 -5.96
N ILE A 263 -15.16 6.99 -6.12
CA ILE A 263 -14.32 6.55 -7.23
C ILE A 263 -15.04 6.77 -8.55
N ALA A 264 -16.31 6.41 -8.60
CA ALA A 264 -17.12 6.49 -9.79
C ALA A 264 -18.52 6.87 -9.35
N SER A 265 -19.20 7.63 -10.18
CA SER A 265 -20.54 8.13 -9.92
C SER A 265 -20.91 8.98 -11.10
N MET A 266 -22.21 9.27 -11.19
CA MET A 266 -22.66 10.20 -12.22
C MET A 266 -23.86 11.02 -11.75
N ARG A 267 -23.92 11.36 -10.47
CA ARG A 267 -25.14 11.92 -9.91
C ARG A 267 -24.78 13.01 -8.90
N GLU A 268 -25.75 13.34 -8.04
CA GLU A 268 -25.64 14.49 -7.14
C GLU A 268 -24.33 14.51 -6.36
N CYS A 269 -23.71 13.36 -6.14
CA CYS A 269 -22.32 13.29 -5.71
C CYS A 269 -21.52 12.70 -6.85
N GLN A 270 -20.64 13.48 -7.43
CA GLN A 270 -19.87 13.04 -8.58
C GLN A 270 -18.66 12.26 -8.09
N GLY A 271 -18.37 11.14 -8.75
CA GLY A 271 -17.21 10.35 -8.43
C GLY A 271 -16.06 10.72 -9.32
N PHE A 272 -14.85 10.45 -8.84
CA PHE A 272 -13.65 10.83 -9.57
C PHE A 272 -13.66 10.26 -10.99
N ALA A 273 -14.05 9.00 -11.15
CA ALA A 273 -13.97 8.31 -12.44
C ALA A 273 -15.35 7.75 -12.81
N PRO A 274 -16.11 8.46 -13.65
CA PRO A 274 -17.44 7.94 -14.03
C PRO A 274 -17.41 6.59 -14.72
N ASP A 275 -16.55 6.41 -15.70
CA ASP A 275 -16.57 5.28 -16.61
C ASP A 275 -15.68 4.12 -16.17
N ALA A 276 -15.38 4.02 -14.88
CA ALA A 276 -14.55 2.93 -14.38
C ALA A 276 -15.33 1.63 -14.35
N GLU A 277 -14.61 0.53 -14.56
CA GLU A 277 -15.18 -0.82 -14.50
C GLU A 277 -15.11 -1.29 -13.06
N LEU A 278 -16.25 -1.31 -12.38
CA LEU A 278 -16.30 -1.55 -10.95
C LEU A 278 -16.39 -3.04 -10.62
N HIS A 279 -15.70 -3.43 -9.55
CA HIS A 279 -15.68 -4.81 -9.06
C HIS A 279 -15.90 -4.75 -7.56
N ILE A 280 -17.01 -5.26 -7.11
CA ILE A 280 -17.38 -5.19 -5.71
C ILE A 280 -16.98 -6.51 -5.06
N PHE A 281 -16.24 -6.41 -3.97
CA PHE A 281 -15.74 -7.54 -3.20
C PHE A 281 -16.34 -7.38 -1.83
N ARG A 282 -17.46 -8.04 -1.59
CA ARG A 282 -18.07 -8.01 -0.26
C ARG A 282 -17.23 -8.92 0.63
N VAL A 283 -16.21 -8.33 1.24
CA VAL A 283 -15.30 -9.06 2.11
C VAL A 283 -15.64 -8.88 3.57
N PHE A 284 -16.53 -7.97 3.90
CA PHE A 284 -16.99 -7.78 5.27
C PHE A 284 -18.44 -8.17 5.36
N THR A 285 -18.85 -8.69 6.50
CA THR A 285 -20.26 -8.95 6.70
C THR A 285 -20.98 -7.63 6.97
N ASN A 286 -22.31 -7.70 7.03
CA ASN A 286 -23.06 -6.55 7.47
C ASN A 286 -22.77 -6.22 8.93
N ASN A 287 -21.96 -7.03 9.61
CA ASN A 287 -21.43 -6.68 10.91
C ASN A 287 -19.94 -6.33 10.88
N GLN A 288 -19.36 -6.17 9.69
CA GLN A 288 -17.98 -5.70 9.54
C GLN A 288 -16.95 -6.75 9.98
N VAL A 289 -17.26 -8.03 9.82
CA VAL A 289 -16.39 -9.11 10.22
C VAL A 289 -15.81 -9.76 8.97
N SER A 290 -14.54 -10.15 9.06
CA SER A 290 -13.91 -10.85 7.95
C SER A 290 -12.92 -11.87 8.52
N TYR A 291 -12.30 -12.63 7.63
CA TYR A 291 -11.34 -13.66 7.99
C TYR A 291 -10.18 -13.60 7.02
N THR A 292 -9.00 -14.02 7.49
CA THR A 292 -7.84 -14.01 6.60
C THR A 292 -8.09 -14.89 5.39
N SER A 293 -8.74 -16.04 5.58
CA SER A 293 -9.09 -16.87 4.43
C SER A 293 -10.03 -16.14 3.47
N TRP A 294 -11.02 -15.40 3.98
CA TRP A 294 -11.86 -14.62 3.07
C TRP A 294 -11.02 -13.64 2.27
N PHE A 295 -10.15 -12.90 2.96
CA PHE A 295 -9.31 -11.93 2.28
C PHE A 295 -8.37 -12.60 1.31
N LEU A 296 -7.85 -13.78 1.64
CA LEU A 296 -6.91 -14.47 0.76
C LEU A 296 -7.61 -15.00 -0.48
N ASP A 297 -8.79 -15.62 -0.32
CA ASP A 297 -9.58 -16.03 -1.47
C ASP A 297 -9.94 -14.83 -2.35
N ALA A 298 -10.38 -13.74 -1.71
CA ALA A 298 -10.74 -12.53 -2.45
C ALA A 298 -9.53 -11.92 -3.17
N PHE A 299 -8.37 -11.86 -2.50
CA PHE A 299 -7.16 -11.37 -3.15
C PHE A 299 -6.76 -12.25 -4.34
N ASN A 300 -6.91 -13.56 -4.18
CA ASN A 300 -6.62 -14.47 -5.28
C ASN A 300 -7.53 -14.20 -6.46
N TYR A 301 -8.81 -13.98 -6.19
CA TYR A 301 -9.73 -13.65 -7.28
C TYR A 301 -9.44 -12.26 -7.86
N ALA A 302 -9.01 -11.31 -7.03
CA ALA A 302 -8.57 -10.03 -7.53
C ALA A 302 -7.38 -10.18 -8.48
N ILE A 303 -6.43 -11.06 -8.12
CA ILE A 303 -5.29 -11.36 -9.00
C ILE A 303 -5.79 -11.99 -10.31
N LEU A 304 -6.74 -12.92 -10.20
CA LEU A 304 -7.28 -13.55 -11.41
C LEU A 304 -8.00 -12.53 -12.28
N LYS A 305 -8.77 -11.65 -11.65
CA LYS A 305 -9.49 -10.56 -12.30
C LYS A 305 -8.57 -9.51 -12.89
N LYS A 306 -7.37 -9.34 -12.33
CA LYS A 306 -6.40 -8.36 -12.81
C LYS A 306 -6.86 -6.93 -12.52
N ILE A 307 -7.14 -6.66 -11.24
CA ILE A 307 -7.74 -5.39 -10.90
C ILE A 307 -6.65 -4.32 -10.73
N ASP A 308 -6.75 -3.27 -11.54
CA ASP A 308 -5.72 -2.23 -11.62
C ASP A 308 -5.56 -1.46 -10.32
N VAL A 309 -6.66 -1.09 -9.67
CA VAL A 309 -6.63 -0.26 -8.48
C VAL A 309 -7.46 -0.97 -7.42
N LEU A 310 -6.94 -1.05 -6.21
CA LEU A 310 -7.65 -1.69 -5.10
C LEU A 310 -7.68 -0.75 -3.92
N ASN A 311 -8.87 -0.34 -3.51
CA ASN A 311 -9.02 0.41 -2.28
C ASN A 311 -9.25 -0.58 -1.15
N LEU A 312 -8.37 -0.54 -0.17
CA LEU A 312 -8.29 -1.54 0.88
C LEU A 312 -8.53 -0.86 2.21
N SER A 313 -9.44 -1.40 3.00
CA SER A 313 -9.74 -0.81 4.29
C SER A 313 -9.56 -1.82 5.42
N ILE A 314 -8.48 -2.59 5.35
CA ILE A 314 -8.20 -3.61 6.35
C ILE A 314 -6.86 -3.30 7.00
N GLY A 315 -6.86 -3.29 8.32
CA GLY A 315 -5.65 -3.03 9.07
C GLY A 315 -5.59 -3.91 10.29
N GLY A 316 -4.81 -3.46 11.28
CA GLY A 316 -4.61 -4.21 12.50
C GLY A 316 -3.28 -4.92 12.52
N PRO A 317 -2.50 -4.75 13.60
CA PRO A 317 -1.14 -5.31 13.59
C PRO A 317 -1.10 -6.82 13.40
N ASP A 318 -1.99 -7.56 14.06
CA ASP A 318 -1.95 -9.02 13.98
C ASP A 318 -2.47 -9.53 12.65
N PHE A 319 -3.55 -8.91 12.13
CA PHE A 319 -4.20 -9.48 10.96
C PHE A 319 -3.32 -9.43 9.72
N MET A 320 -2.43 -8.45 9.61
CA MET A 320 -1.56 -8.31 8.44
C MET A 320 -0.36 -9.25 8.55
N ASP A 321 -0.66 -10.53 8.73
CA ASP A 321 0.32 -11.53 9.10
C ASP A 321 1.03 -12.07 7.86
N HIS A 322 1.78 -13.15 8.06
CA HIS A 322 2.63 -13.67 6.99
C HIS A 322 1.87 -14.01 5.73
N PRO A 323 0.83 -14.86 5.75
CA PRO A 323 0.06 -15.06 4.51
C PRO A 323 -0.55 -13.78 3.99
N PHE A 324 -1.06 -12.91 4.87
CA PHE A 324 -1.68 -11.68 4.41
C PHE A 324 -0.67 -10.78 3.71
N VAL A 325 0.45 -10.49 4.39
CA VAL A 325 1.47 -9.60 3.84
C VAL A 325 2.08 -10.20 2.57
N ASP A 326 2.27 -11.52 2.54
CA ASP A 326 2.78 -12.15 1.33
C ASP A 326 1.81 -11.99 0.17
N LYS A 327 0.52 -12.19 0.43
CA LYS A 327 -0.48 -11.99 -0.61
C LYS A 327 -0.52 -10.53 -1.07
N VAL A 328 -0.37 -9.59 -0.14
CA VAL A 328 -0.28 -8.18 -0.52
C VAL A 328 0.91 -7.95 -1.45
N TRP A 329 2.09 -8.48 -1.08
CA TRP A 329 3.25 -8.34 -1.94
C TRP A 329 3.01 -8.98 -3.29
N GLU A 330 2.28 -10.10 -3.31
CA GLU A 330 1.99 -10.78 -4.56
C GLU A 330 1.01 -9.98 -5.43
N LEU A 331 0.03 -9.30 -4.82
CA LEU A 331 -0.83 -8.38 -5.59
C LEU A 331 -0.03 -7.22 -6.17
N THR A 332 0.73 -6.52 -5.31
CA THR A 332 1.56 -5.42 -5.82
C THR A 332 2.49 -5.93 -6.90
N ALA A 333 3.00 -7.15 -6.74
CA ALA A 333 3.88 -7.75 -7.73
C ALA A 333 3.12 -8.09 -9.00
N ASN A 334 1.83 -8.36 -8.90
CA ASN A 334 0.99 -8.56 -10.07
C ASN A 334 0.39 -7.26 -10.61
N ASN A 335 0.97 -6.11 -10.24
CA ASN A 335 0.60 -4.82 -10.80
C ASN A 335 -0.76 -4.36 -10.28
N VAL A 336 -1.00 -4.60 -8.99
CA VAL A 336 -2.21 -4.14 -8.34
C VAL A 336 -1.82 -2.90 -7.54
N ILE A 337 -2.06 -1.74 -8.15
CA ILE A 337 -1.83 -0.47 -7.46
C ILE A 337 -2.82 -0.42 -6.31
N MET A 338 -2.32 -0.52 -5.10
CA MET A 338 -3.14 -0.57 -3.91
C MET A 338 -3.16 0.81 -3.29
N VAL A 339 -4.31 1.19 -2.74
CA VAL A 339 -4.49 2.45 -2.05
C VAL A 339 -5.16 2.14 -0.73
N SER A 340 -4.59 2.64 0.36
CA SER A 340 -5.15 2.39 1.66
C SER A 340 -4.82 3.56 2.57
N ALA A 341 -5.60 3.69 3.63
CA ALA A 341 -5.39 4.75 4.61
C ALA A 341 -4.37 4.33 5.64
N ILE A 342 -3.63 5.31 6.16
CA ILE A 342 -2.64 5.01 7.20
C ILE A 342 -3.32 4.65 8.52
N GLY A 343 -4.40 5.33 8.86
CA GLY A 343 -5.13 5.04 10.08
C GLY A 343 -4.27 5.17 11.33
N PRO A 355 -1.29 -2.63 5.44
CA PRO A 355 -0.86 -2.54 4.04
C PRO A 355 -0.42 -1.14 3.64
N ALA A 356 -1.16 -0.09 4.02
CA ALA A 356 -0.76 1.26 3.65
C ALA A 356 0.65 1.56 4.14
N ASP A 357 0.91 1.32 5.42
CA ASP A 357 2.19 1.60 6.05
C ASP A 357 3.25 0.58 5.68
N GLN A 358 3.00 -0.23 4.66
CA GLN A 358 4.03 -1.08 4.08
C GLN A 358 4.81 -0.30 3.03
N MET A 359 5.81 -0.96 2.45
CA MET A 359 6.68 -0.31 1.47
C MET A 359 6.01 -0.20 0.11
N ASP A 360 5.04 -1.06 -0.17
CA ASP A 360 4.56 -1.26 -1.53
C ASP A 360 3.19 -0.66 -1.79
N VAL A 361 2.52 -0.17 -0.77
CA VAL A 361 1.17 0.38 -0.92
C VAL A 361 1.22 1.89 -0.81
N ILE A 362 0.37 2.57 -1.58
CA ILE A 362 0.21 4.01 -1.50
C ILE A 362 -0.58 4.31 -0.24
N GLY A 363 0.11 4.71 0.83
CA GLY A 363 -0.53 5.20 2.02
C GLY A 363 -1.07 6.60 1.77
N VAL A 364 -2.13 6.95 2.50
CA VAL A 364 -2.85 8.20 2.30
C VAL A 364 -3.23 8.78 3.65
N GLY A 365 -2.96 10.06 3.84
CA GLY A 365 -3.40 10.80 5.01
C GLY A 365 -4.50 11.79 4.63
N GLY A 366 -5.05 12.44 5.66
CA GLY A 366 -6.22 13.27 5.47
C GLY A 366 -6.13 14.71 5.97
N ILE A 367 -6.38 15.65 5.05
CA ILE A 367 -6.48 17.07 5.38
C ILE A 367 -7.94 17.48 5.25
N ASP A 368 -8.23 18.74 5.57
CA ASP A 368 -9.55 19.29 5.27
C ASP A 368 -9.45 20.20 4.05
N PHE A 369 -10.54 20.90 3.76
CA PHE A 369 -10.59 21.70 2.55
C PHE A 369 -9.84 23.02 2.68
N GLU A 370 -9.48 23.42 3.90
CA GLU A 370 -8.55 24.51 4.14
C GLU A 370 -7.10 24.02 4.28
N ASP A 371 -6.83 22.80 3.80
CA ASP A 371 -5.50 22.17 3.88
C ASP A 371 -4.94 22.14 5.29
N ASN A 372 -5.77 21.86 6.30
CA ASN A 372 -5.29 21.60 7.64
C ASN A 372 -5.10 20.11 7.85
N ILE A 373 -4.35 19.75 8.88
CA ILE A 373 -4.32 18.36 9.33
C ILE A 373 -5.49 18.15 10.29
N ALA A 374 -6.30 17.13 10.04
CA ALA A 374 -7.49 16.89 10.83
C ALA A 374 -7.16 16.18 12.14
N ARG A 375 -8.05 16.34 13.12
CA ARG A 375 -7.81 15.75 14.44
C ARG A 375 -7.99 14.24 14.45
N PHE A 376 -8.64 13.68 13.43
CA PHE A 376 -8.65 12.23 13.27
C PHE A 376 -7.43 11.73 12.51
N SER A 377 -6.62 12.64 11.98
CA SER A 377 -5.43 12.25 11.21
C SER A 377 -4.35 11.73 12.15
N GLY A 391 11.38 5.52 11.76
CA GLY A 391 11.11 4.64 10.64
C GLY A 391 10.92 5.38 9.34
N ARG A 392 10.56 4.63 8.29
CA ARG A 392 10.31 5.23 6.99
C ARG A 392 9.10 6.17 7.07
N MET A 393 9.06 7.13 6.16
CA MET A 393 8.04 8.18 6.23
C MET A 393 6.74 7.72 5.57
N LYS A 394 5.65 7.78 6.33
CA LYS A 394 4.32 7.44 5.85
C LYS A 394 3.34 8.34 6.60
N PRO A 395 2.33 8.90 5.91
CA PRO A 395 1.83 8.61 4.55
C PRO A 395 2.73 9.01 3.40
N ASP A 396 2.44 8.49 2.22
CA ASP A 396 3.08 8.99 1.02
C ASP A 396 2.61 10.42 0.72
N ILE A 397 1.30 10.65 0.79
CA ILE A 397 0.69 11.94 0.45
C ILE A 397 -0.57 12.10 1.27
N VAL A 398 -1.16 13.28 1.19
CA VAL A 398 -2.46 13.55 1.81
C VAL A 398 -3.40 14.12 0.76
N THR A 399 -4.68 14.13 1.11
CA THR A 399 -5.73 14.75 0.29
C THR A 399 -6.94 14.97 1.20
N TYR A 400 -8.01 15.52 0.63
CA TYR A 400 -9.17 15.89 1.43
C TYR A 400 -9.88 14.65 1.96
N GLY A 401 -10.14 14.64 3.26
CA GLY A 401 -10.84 13.57 3.91
C GLY A 401 -11.77 14.08 4.99
N ALA A 402 -12.24 15.31 4.85
CA ALA A 402 -13.20 15.90 5.77
C ALA A 402 -14.26 16.63 4.96
N GLY A 403 -15.53 16.29 5.21
CA GLY A 403 -16.63 16.88 4.47
C GLY A 403 -16.81 16.33 3.09
N VAL A 404 -16.23 15.19 2.77
CA VAL A 404 -16.34 14.62 1.44
C VAL A 404 -17.69 13.93 1.29
N ARG A 405 -18.25 14.00 0.08
CA ARG A 405 -19.60 13.50 -0.16
C ARG A 405 -19.60 12.40 -1.22
N GLY A 406 -20.49 11.43 -1.00
CA GLY A 406 -20.53 10.22 -1.80
C GLY A 406 -21.91 9.60 -1.77
N SER A 407 -22.04 8.55 -2.55
CA SER A 407 -23.34 7.96 -2.85
C SER A 407 -24.01 7.36 -1.61
N GLY A 408 -25.33 7.47 -1.56
CA GLY A 408 -26.10 6.75 -0.56
C GLY A 408 -26.35 5.31 -0.96
N VAL A 409 -26.80 4.52 0.03
CA VAL A 409 -26.88 3.06 -0.11
C VAL A 409 -27.76 2.67 -1.29
N LYS A 410 -28.95 3.25 -1.39
CA LYS A 410 -29.79 3.10 -2.58
C LYS A 410 -29.72 4.32 -3.49
N GLY A 411 -29.63 5.51 -2.90
CA GLY A 411 -29.39 6.72 -3.64
C GLY A 411 -29.15 7.84 -2.66
N GLY A 412 -28.98 9.04 -3.21
CA GLY A 412 -28.72 10.17 -2.36
C GLY A 412 -27.24 10.39 -2.12
N CYS A 413 -26.97 11.38 -1.27
CA CYS A 413 -25.62 11.83 -1.00
C CYS A 413 -25.45 11.99 0.48
N ARG A 414 -24.22 11.83 0.94
CA ARG A 414 -23.91 11.98 2.35
C ARG A 414 -22.45 12.35 2.49
N ALA A 415 -22.15 13.04 3.58
CA ALA A 415 -20.81 13.55 3.85
C ALA A 415 -20.19 12.80 5.03
N LEU A 416 -18.91 12.47 4.90
CA LEU A 416 -18.17 11.77 5.94
C LEU A 416 -16.81 12.41 6.13
N SER A 417 -16.36 12.51 7.38
CA SER A 417 -15.07 13.07 7.72
C SER A 417 -14.29 12.06 8.55
N GLY A 418 -13.18 11.56 8.01
CA GLY A 418 -12.38 10.59 8.72
C GLY A 418 -11.21 10.12 7.89
N THR A 419 -10.35 9.33 8.54
CA THR A 419 -9.13 8.87 7.89
C THR A 419 -9.43 7.98 6.70
N SER A 420 -10.43 7.12 6.81
CA SER A 420 -10.75 6.24 5.70
C SER A 420 -11.23 7.00 4.48
N VAL A 421 -11.61 8.27 4.62
CA VAL A 421 -12.27 8.99 3.53
C VAL A 421 -11.29 9.41 2.46
N ALA A 422 -10.09 9.86 2.84
CA ALA A 422 -9.14 10.31 1.84
C ALA A 422 -8.65 9.16 0.97
N SER A 423 -8.60 7.94 1.52
CA SER A 423 -8.16 6.79 0.73
C SER A 423 -8.99 6.62 -0.54
N PRO A 424 -10.32 6.55 -0.49
CA PRO A 424 -11.09 6.54 -1.74
C PRO A 424 -10.92 7.81 -2.55
N VAL A 425 -10.65 8.96 -1.92
CA VAL A 425 -10.33 10.15 -2.70
C VAL A 425 -9.13 9.88 -3.59
N VAL A 426 -8.04 9.41 -2.99
CA VAL A 426 -6.84 9.11 -3.77
C VAL A 426 -7.08 7.95 -4.73
N ALA A 427 -7.87 6.96 -4.30
CA ALA A 427 -8.14 5.80 -5.17
C ALA A 427 -8.88 6.22 -6.43
N GLY A 428 -9.91 7.06 -6.27
CA GLY A 428 -10.56 7.65 -7.43
C GLY A 428 -9.59 8.46 -8.27
N ALA A 429 -8.79 9.31 -7.62
CA ALA A 429 -7.79 10.10 -8.33
C ALA A 429 -6.85 9.20 -9.13
N VAL A 430 -6.40 8.08 -8.55
CA VAL A 430 -5.49 7.15 -9.22
C VAL A 430 -6.19 6.48 -10.40
N THR A 431 -7.43 6.06 -10.20
CA THR A 431 -8.21 5.44 -11.28
C THR A 431 -8.30 6.38 -12.47
N LEU A 432 -8.62 7.64 -12.20
CA LEU A 432 -8.64 8.65 -13.24
C LEU A 432 -7.27 8.85 -13.85
N LEU A 433 -6.23 8.93 -13.01
CA LEU A 433 -4.87 9.09 -13.51
C LEU A 433 -4.46 7.93 -14.42
N VAL A 434 -4.85 6.71 -14.06
CA VAL A 434 -4.57 5.55 -14.92
C VAL A 434 -5.24 5.72 -16.27
N SER A 435 -6.49 6.20 -16.27
CA SER A 435 -7.12 6.47 -17.56
C SER A 435 -6.37 7.55 -18.34
N THR A 436 -5.79 8.54 -17.65
CA THR A 436 -5.06 9.62 -18.31
C THR A 436 -3.92 9.10 -19.17
N VAL A 437 -3.28 8.01 -18.77
CA VAL A 437 -1.99 7.58 -19.31
C VAL A 437 -2.19 6.89 -20.65
N GLN A 438 -1.45 7.33 -21.66
CA GLN A 438 -1.60 6.75 -22.98
C GLN A 438 -1.27 5.26 -22.97
N LYS A 439 -0.02 4.92 -22.66
CA LYS A 439 0.46 3.55 -22.66
C LYS A 439 0.44 3.02 -21.23
N ARG A 440 -0.47 2.08 -20.96
CA ARG A 440 -0.61 1.52 -19.62
C ARG A 440 0.61 0.69 -19.23
N GLU A 441 1.49 0.38 -20.19
CA GLU A 441 2.67 -0.41 -19.88
C GLU A 441 3.50 0.23 -18.78
N LEU A 442 3.44 1.56 -18.67
CA LEU A 442 4.29 2.32 -17.76
C LEU A 442 3.68 2.52 -16.38
N VAL A 443 2.48 2.04 -16.14
CA VAL A 443 1.81 2.27 -14.87
C VAL A 443 2.02 1.05 -14.00
N ASN A 444 2.64 1.26 -12.85
CA ASN A 444 2.84 0.21 -11.87
C ASN A 444 2.69 0.86 -10.51
N PRO A 445 2.74 0.07 -9.44
CA PRO A 445 2.65 0.70 -8.11
C PRO A 445 3.75 1.73 -7.87
N ALA A 446 4.97 1.49 -8.34
CA ALA A 446 6.06 2.42 -8.04
C ALA A 446 5.94 3.72 -8.83
N SER A 447 5.69 3.64 -10.14
CA SER A 447 5.57 4.86 -10.93
C SER A 447 4.39 5.71 -10.47
N MET A 448 3.26 5.09 -10.13
CA MET A 448 2.12 5.85 -9.60
C MET A 448 2.47 6.51 -8.28
N LYS A 449 3.14 5.77 -7.39
CA LYS A 449 3.56 6.37 -6.13
C LYS A 449 4.52 7.55 -6.39
N GLN A 450 5.42 7.37 -7.36
CA GLN A 450 6.39 8.40 -7.69
C GLN A 450 5.69 9.66 -8.17
N ALA A 451 4.64 9.51 -8.97
CA ALA A 451 3.90 10.67 -9.45
C ALA A 451 3.17 11.37 -8.32
N LEU A 452 2.50 10.61 -7.45
CA LEU A 452 1.81 11.24 -6.32
C LEU A 452 2.78 12.03 -5.44
N ILE A 453 4.02 11.58 -5.33
CA ILE A 453 4.96 12.29 -4.46
C ILE A 453 5.66 13.44 -5.18
N ALA A 454 6.02 13.27 -6.45
CA ALA A 454 6.68 14.35 -7.19
C ALA A 454 5.75 15.51 -7.49
N SER A 455 4.50 15.23 -7.86
CA SER A 455 3.52 16.28 -8.08
C SER A 455 3.04 16.91 -6.79
N ALA A 456 3.27 16.26 -5.67
CA ALA A 456 2.68 16.73 -4.44
C ALA A 456 3.11 18.17 -4.16
N ARG A 457 2.17 18.96 -3.67
CA ARG A 457 2.44 20.31 -3.22
C ARG A 457 2.67 20.29 -1.71
N ARG A 458 3.82 20.77 -1.30
CA ARG A 458 4.18 20.76 0.11
C ARG A 458 3.29 21.68 0.91
N LEU A 459 2.85 21.21 2.04
CA LEU A 459 2.18 22.08 2.99
C LEU A 459 3.24 22.81 3.80
N PRO A 460 3.26 24.15 3.78
CA PRO A 460 4.21 24.86 4.64
C PRO A 460 3.90 24.64 6.13
N GLY A 461 4.88 24.14 6.86
CA GLY A 461 4.75 23.99 8.29
C GLY A 461 4.36 22.62 8.78
N VAL A 462 4.25 21.65 7.88
CA VAL A 462 3.89 20.28 8.24
C VAL A 462 5.11 19.40 7.99
N ASN A 463 5.47 18.60 8.99
CA ASN A 463 6.62 17.72 8.85
C ASN A 463 6.36 16.62 7.82
N MET A 464 7.36 15.78 7.63
CA MET A 464 7.27 14.69 6.66
C MET A 464 6.44 13.53 7.19
N PHE A 465 6.24 13.44 8.50
CA PHE A 465 5.52 12.32 9.10
C PHE A 465 4.05 12.63 9.34
N GLU A 466 3.51 13.64 8.69
CA GLU A 466 2.07 13.89 8.63
C GLU A 466 1.56 14.11 7.23
N GLN A 467 2.38 14.68 6.35
CA GLN A 467 1.94 15.01 5.00
C GLN A 467 2.69 14.26 3.92
N GLY A 468 3.76 13.56 4.25
CA GLY A 468 4.57 12.93 3.22
C GLY A 468 5.18 13.98 2.29
N HIS A 469 5.00 13.79 0.99
CA HIS A 469 5.59 14.67 0.00
C HIS A 469 4.73 15.90 -0.32
N GLY A 470 3.55 16.02 0.27
CA GLY A 470 2.67 17.14 -0.01
C GLY A 470 1.30 16.68 -0.46
N LYS A 471 0.27 17.45 -0.13
CA LYS A 471 -1.09 17.11 -0.49
C LYS A 471 -1.18 16.78 -1.98
N LEU A 472 -2.19 15.97 -2.33
CA LEU A 472 -2.36 15.52 -3.69
C LEU A 472 -2.64 16.68 -4.64
N ASP A 473 -2.03 16.63 -5.81
CA ASP A 473 -2.28 17.61 -6.85
C ASP A 473 -2.57 16.84 -8.12
N LEU A 474 -3.86 16.74 -8.45
CA LEU A 474 -4.28 15.87 -9.53
C LEU A 474 -3.72 16.35 -10.86
N LEU A 475 -3.66 17.66 -11.09
CA LEU A 475 -3.24 18.17 -12.39
C LEU A 475 -1.73 18.08 -12.60
N ARG A 476 -0.93 18.39 -11.58
CA ARG A 476 0.50 18.17 -11.72
C ARG A 476 0.86 16.68 -11.60
N ALA A 477 0.07 15.90 -10.85
CA ALA A 477 0.26 14.45 -10.92
C ALA A 477 0.02 13.96 -12.33
N TYR A 478 -1.01 14.50 -12.98
CA TYR A 478 -1.24 14.17 -14.38
C TYR A 478 -0.08 14.61 -15.26
N GLN A 479 0.51 15.78 -14.97
CA GLN A 479 1.62 16.28 -15.78
C GLN A 479 2.86 15.38 -15.66
N ILE A 480 3.25 15.06 -14.44
CA ILE A 480 4.39 14.16 -14.26
C ILE A 480 4.12 12.83 -14.94
N LEU A 481 2.97 12.22 -14.61
CA LEU A 481 2.62 10.93 -15.18
C LEU A 481 2.64 10.99 -16.70
N ASN A 482 2.34 12.15 -17.27
CA ASN A 482 2.36 12.29 -18.72
C ASN A 482 3.77 12.38 -19.25
N SER A 483 4.71 12.86 -18.44
CA SER A 483 6.11 12.94 -18.86
C SER A 483 6.98 11.83 -18.29
N TYR A 484 6.43 11.00 -17.41
CA TYR A 484 7.24 10.10 -16.59
C TYR A 484 8.09 9.15 -17.43
N LYS A 485 9.31 8.91 -16.97
CA LYS A 485 10.26 7.98 -17.56
C LYS A 485 10.66 6.94 -16.52
N PRO A 486 10.77 5.66 -16.89
CA PRO A 486 11.02 4.62 -15.89
C PRO A 486 12.38 4.82 -15.22
N GLN A 487 12.39 4.82 -13.90
CA GLN A 487 13.57 5.18 -13.16
C GLN A 487 13.34 4.89 -11.69
N ALA A 488 14.44 4.81 -10.94
CA ALA A 488 14.37 4.64 -9.50
C ALA A 488 14.37 6.01 -8.81
N SER A 489 13.87 6.01 -7.59
CA SER A 489 13.71 7.26 -6.87
C SER A 489 13.76 6.92 -5.40
N LEU A 490 13.99 7.94 -4.59
CA LEU A 490 14.14 7.76 -3.17
C LEU A 490 13.09 8.56 -2.44
N SER A 491 12.73 8.10 -1.26
CA SER A 491 11.75 8.78 -0.43
C SER A 491 12.16 8.66 1.02
N PRO A 492 12.62 9.75 1.66
CA PRO A 492 12.77 11.10 1.07
C PRO A 492 13.79 11.20 -0.05
N SER A 493 13.60 12.14 -0.97
CA SER A 493 14.51 12.32 -2.09
C SER A 493 15.78 13.09 -1.72
N TYR A 494 15.90 13.59 -0.49
CA TYR A 494 17.11 14.20 0.01
C TYR A 494 17.05 14.15 1.52
N ILE A 495 18.21 14.41 2.13
CA ILE A 495 18.33 14.54 3.58
C ILE A 495 18.82 15.95 3.88
N ASP A 496 18.17 16.61 4.83
CA ASP A 496 18.58 17.93 5.33
C ASP A 496 18.12 17.96 6.78
N LEU A 497 19.02 17.66 7.70
CA LEU A 497 18.62 17.60 9.09
C LEU A 497 18.37 18.96 9.68
N THR A 498 18.71 20.05 8.99
CA THR A 498 18.47 21.39 9.49
C THR A 498 17.19 22.00 8.96
N GLU A 499 16.44 21.28 8.12
CA GLU A 499 15.19 21.76 7.54
C GLU A 499 14.04 21.49 8.51
N CYS A 500 13.89 22.38 9.49
CA CYS A 500 12.71 22.35 10.33
C CYS A 500 11.59 23.15 9.67
N PRO A 501 10.33 22.69 9.76
CA PRO A 501 9.85 21.49 10.45
C PRO A 501 9.66 20.24 9.57
N TYR A 502 9.99 20.31 8.29
CA TYR A 502 9.68 19.20 7.39
C TYR A 502 10.41 17.92 7.79
N MET A 503 11.69 18.04 8.14
CA MET A 503 12.54 16.88 8.38
C MET A 503 12.54 16.46 9.84
N TRP A 504 11.65 17.04 10.65
CA TRP A 504 11.55 16.68 12.05
C TRP A 504 11.48 15.16 12.19
N PRO A 505 12.01 14.59 13.30
CA PRO A 505 12.68 15.20 14.45
C PRO A 505 14.17 15.40 14.27
N TYR A 506 14.67 15.11 13.07
CA TYR A 506 16.10 15.22 12.81
C TYR A 506 16.61 16.64 13.03
N CYS A 507 15.74 17.65 12.92
CA CYS A 507 16.16 19.02 13.18
C CYS A 507 15.92 19.42 14.63
N SER A 508 15.45 18.51 15.48
CA SER A 508 15.36 18.83 16.90
C SER A 508 16.73 19.05 17.53
N GLN A 509 17.80 18.59 16.88
CA GLN A 509 19.16 18.85 17.31
C GLN A 509 20.13 18.47 16.20
N PRO A 510 21.32 19.09 16.16
CA PRO A 510 22.33 18.70 15.18
C PRO A 510 23.14 17.49 15.64
N ILE A 511 23.91 16.92 14.72
CA ILE A 511 24.66 15.69 14.98
C ILE A 511 26.06 16.02 15.52
N TYR A 512 26.34 15.52 16.72
CA TYR A 512 27.63 15.74 17.39
C TYR A 512 28.37 14.43 17.54
N TYR A 513 29.62 14.42 17.06
CA TYR A 513 30.51 13.27 17.22
C TYR A 513 30.46 12.72 18.64
N GLY A 514 30.45 11.39 18.75
CA GLY A 514 30.15 10.72 19.99
C GLY A 514 28.69 10.39 20.19
N GLY A 515 27.82 10.78 19.26
CA GLY A 515 26.43 10.38 19.33
C GLY A 515 26.12 9.25 18.37
N MET A 516 25.01 8.56 18.64
CA MET A 516 24.64 7.42 17.83
C MET A 516 24.40 7.86 16.39
N PRO A 517 24.66 7.00 15.41
CA PRO A 517 24.47 7.41 14.03
C PRO A 517 23.04 7.84 13.76
N THR A 518 22.89 8.83 12.90
CA THR A 518 21.57 9.25 12.46
C THR A 518 21.13 8.31 11.36
N VAL A 519 20.04 7.58 11.60
CA VAL A 519 19.60 6.51 10.73
C VAL A 519 18.35 6.96 9.99
N VAL A 520 18.43 7.03 8.67
CA VAL A 520 17.31 7.40 7.83
C VAL A 520 17.05 6.25 6.88
N ASN A 521 15.88 5.64 7.01
CA ASN A 521 15.51 4.50 6.20
C ASN A 521 14.83 5.05 4.96
N VAL A 522 15.51 4.92 3.83
CA VAL A 522 15.04 5.52 2.58
C VAL A 522 14.36 4.43 1.76
N THR A 523 13.12 4.68 1.38
CA THR A 523 12.46 3.79 0.43
C THR A 523 13.06 4.01 -0.94
N ILE A 524 13.37 2.94 -1.64
CA ILE A 524 13.62 2.97 -3.06
C ILE A 524 12.33 2.61 -3.76
N LEU A 525 11.95 3.40 -4.76
CA LEU A 525 10.88 3.04 -5.66
C LEU A 525 11.49 2.71 -7.00
N ASN A 526 11.41 1.46 -7.40
CA ASN A 526 11.97 1.03 -8.68
C ASN A 526 10.78 0.89 -9.63
N GLY A 527 10.50 1.97 -10.34
CA GLY A 527 9.54 1.95 -11.42
C GLY A 527 10.04 1.25 -12.66
N MET A 528 11.27 0.74 -12.62
CA MET A 528 11.79 -0.01 -13.75
C MET A 528 11.44 -1.50 -13.70
N GLY A 529 11.06 -2.05 -12.56
CA GLY A 529 10.75 -3.47 -12.51
C GLY A 529 10.25 -3.89 -11.15
N VAL A 530 9.54 -5.01 -11.15
CA VAL A 530 9.13 -5.61 -9.87
C VAL A 530 10.35 -6.20 -9.15
N THR A 531 11.30 -6.71 -9.91
CA THR A 531 12.58 -7.16 -9.36
C THR A 531 13.71 -6.24 -9.81
N GLY A 532 14.49 -5.74 -8.84
CA GLY A 532 15.74 -5.09 -9.12
C GLY A 532 16.76 -5.23 -8.01
N ARG A 533 17.95 -4.69 -8.20
CA ARG A 533 19.06 -4.82 -7.25
C ARG A 533 19.87 -3.53 -7.17
N ILE A 534 20.42 -3.27 -5.98
CA ILE A 534 21.54 -2.33 -5.83
C ILE A 534 22.76 -2.92 -6.53
N VAL A 535 23.35 -2.18 -7.46
CA VAL A 535 24.42 -2.77 -8.25
C VAL A 535 25.67 -3.02 -7.40
N ASP A 536 25.95 -2.14 -6.44
CA ASP A 536 27.07 -2.35 -5.54
C ASP A 536 26.83 -1.55 -4.27
N LYS A 537 27.89 -1.36 -3.50
CA LYS A 537 27.75 -0.67 -2.23
C LYS A 537 27.51 0.82 -2.47
N PRO A 538 26.41 1.38 -1.98
CA PRO A 538 26.14 2.80 -2.26
C PRO A 538 27.25 3.69 -1.72
N ASP A 539 27.62 4.70 -2.51
CA ASP A 539 28.85 5.46 -2.34
C ASP A 539 28.54 6.81 -1.72
N TRP A 540 29.09 7.06 -0.54
CA TRP A 540 28.95 8.38 0.08
C TRP A 540 30.05 9.30 -0.42
N GLN A 541 29.66 10.40 -1.07
CA GLN A 541 30.60 11.35 -1.70
C GLN A 541 30.49 12.71 -1.03
N PRO A 542 31.39 13.04 -0.09
CA PRO A 542 31.31 14.35 0.57
C PRO A 542 31.91 15.46 -0.29
N TYR A 543 31.39 16.68 -0.10
CA TYR A 543 31.96 17.86 -0.73
C TYR A 543 33.11 18.36 0.12
N LEU A 544 34.32 18.38 -0.43
CA LEU A 544 35.46 18.88 0.33
C LEU A 544 35.33 20.35 0.68
N PRO A 545 35.09 21.27 -0.26
CA PRO A 545 34.96 22.68 0.12
C PRO A 545 33.89 22.94 1.16
N GLN A 546 32.81 22.18 1.16
CA GLN A 546 31.77 22.27 2.18
C GLN A 546 32.06 21.36 3.35
N ASN A 547 33.26 20.79 3.40
CA ASN A 547 33.71 19.90 4.47
C ASN A 547 32.68 18.81 4.76
N GLY A 548 32.21 18.16 3.70
CA GLY A 548 31.45 16.93 3.86
C GLY A 548 32.24 15.83 4.52
N ASP A 549 33.58 15.90 4.47
CA ASP A 549 34.45 14.89 5.07
C ASP A 549 34.40 14.89 6.58
N ASN A 550 33.58 15.73 7.21
CA ASN A 550 33.41 15.68 8.64
C ASN A 550 32.28 14.75 9.05
N ILE A 551 31.68 14.02 8.10
CA ILE A 551 30.75 12.95 8.42
C ILE A 551 31.17 11.69 7.68
N GLU A 552 30.87 10.55 8.29
CA GLU A 552 30.87 9.26 7.64
C GLU A 552 29.47 8.67 7.74
N VAL A 553 29.01 8.05 6.67
CA VAL A 553 27.69 7.42 6.66
C VAL A 553 27.82 6.01 6.13
N ALA A 554 27.30 5.06 6.90
CA ALA A 554 27.28 3.65 6.54
C ALA A 554 25.90 3.24 6.02
N PHE A 555 25.89 2.18 5.24
CA PHE A 555 24.69 1.69 4.59
C PHE A 555 24.38 0.27 5.06
N SER A 556 23.20 0.09 5.64
CA SER A 556 22.63 -1.23 5.92
C SER A 556 21.32 -1.31 5.19
N TYR A 557 21.27 -2.11 4.13
CA TYR A 557 20.23 -1.95 3.12
C TYR A 557 19.80 -3.29 2.53
N SER A 558 18.51 -3.39 2.23
CA SER A 558 18.00 -4.56 1.52
C SER A 558 18.64 -4.62 0.14
N SER A 559 19.10 -5.81 -0.25
CA SER A 559 19.93 -5.92 -1.45
C SER A 559 19.08 -5.98 -2.71
N VAL A 560 18.28 -7.05 -2.85
CA VAL A 560 17.38 -7.22 -3.99
C VAL A 560 16.11 -6.44 -3.70
N LEU A 561 15.54 -5.84 -4.74
CA LEU A 561 14.38 -4.96 -4.59
C LEU A 561 13.19 -5.62 -5.27
N TRP A 562 12.22 -6.03 -4.46
CA TRP A 562 11.01 -6.69 -4.89
C TRP A 562 9.95 -6.47 -3.83
N PRO A 563 8.69 -6.21 -4.22
CA PRO A 563 8.23 -5.92 -5.57
C PRO A 563 8.20 -4.40 -5.83
N TRP A 564 8.76 -3.96 -6.97
CA TRP A 564 8.77 -2.57 -7.40
C TRP A 564 9.53 -1.65 -6.44
N SER A 565 10.12 -2.17 -5.36
CA SER A 565 10.68 -1.28 -4.36
C SER A 565 11.69 -2.03 -3.49
N GLY A 566 12.53 -1.26 -2.81
CA GLY A 566 13.45 -1.80 -1.84
C GLY A 566 13.63 -0.80 -0.72
N TYR A 567 14.75 -0.89 -0.02
CA TYR A 567 15.05 0.12 0.98
C TYR A 567 16.56 0.34 1.07
N LEU A 568 16.93 1.46 1.67
CA LEU A 568 18.33 1.84 1.90
C LEU A 568 18.35 2.60 3.21
N ALA A 569 18.92 1.98 4.24
CA ALA A 569 19.07 2.64 5.52
C ALA A 569 20.48 3.21 5.61
N ILE A 570 20.58 4.47 6.03
CA ILE A 570 21.84 5.21 6.06
C ILE A 570 22.08 5.67 7.49
N SER A 571 23.29 5.43 7.99
CA SER A 571 23.65 5.69 9.39
C SER A 571 24.72 6.77 9.44
N ILE A 572 24.32 8.01 9.72
CA ILE A 572 25.21 9.16 9.56
C ILE A 572 25.95 9.41 10.86
N SER A 573 27.28 9.51 10.77
CA SER A 573 28.10 9.84 11.93
C SER A 573 29.20 10.81 11.51
N VAL A 574 29.50 11.73 12.40
CA VAL A 574 30.57 12.69 12.19
C VAL A 574 31.91 11.96 12.25
N THR A 575 32.89 12.47 11.54
CA THR A 575 34.23 11.89 11.60
C THR A 575 34.98 12.40 12.82
N LYS A 576 36.27 12.08 12.86
CA LYS A 576 37.08 12.43 14.03
C LYS A 576 37.62 13.85 13.93
N LYS A 577 38.01 14.29 12.72
CA LYS A 577 38.58 15.61 12.55
C LYS A 577 37.63 16.73 12.95
N ALA A 578 36.32 16.46 12.94
CA ALA A 578 35.31 17.45 13.31
C ALA A 578 34.63 17.12 14.62
N ALA A 579 35.38 16.61 15.60
CA ALA A 579 34.83 16.47 16.94
C ALA A 579 34.65 17.82 17.61
N SER A 580 35.49 18.79 17.27
CA SER A 580 35.47 20.11 17.88
C SER A 580 35.07 21.19 16.88
N TRP A 581 34.09 20.93 16.03
CA TRP A 581 33.80 21.77 14.89
C TRP A 581 32.31 22.05 14.83
N GLU A 582 31.96 23.20 14.25
CA GLU A 582 30.60 23.72 14.20
C GLU A 582 30.35 24.26 12.81
N GLY A 583 29.31 23.77 12.15
CA GLY A 583 29.04 24.21 10.80
C GLY A 583 28.19 23.20 10.05
N ILE A 584 28.17 23.36 8.73
CA ILE A 584 27.33 22.59 7.82
C ILE A 584 28.23 21.77 6.91
N ALA A 585 28.13 20.46 7.02
CA ALA A 585 28.82 19.52 6.15
C ALA A 585 27.83 18.96 5.16
N GLN A 586 28.26 18.80 3.92
CA GLN A 586 27.31 18.44 2.88
C GLN A 586 27.96 17.40 1.98
N GLY A 587 27.11 16.70 1.26
CA GLY A 587 27.57 15.71 0.31
C GLY A 587 26.37 14.97 -0.23
N HIS A 588 26.63 13.99 -1.08
CA HIS A 588 25.55 13.17 -1.59
C HIS A 588 25.95 11.70 -1.63
N VAL A 589 24.93 10.86 -1.77
CA VAL A 589 25.08 9.42 -1.99
C VAL A 589 24.76 9.14 -3.44
N MET A 590 25.57 8.31 -4.09
CA MET A 590 25.32 7.89 -5.46
C MET A 590 24.96 6.40 -5.48
N ILE A 591 23.66 6.12 -5.28
CA ILE A 591 23.17 4.76 -5.39
C ILE A 591 22.90 4.44 -6.85
N THR A 592 22.91 3.16 -7.18
CA THR A 592 22.49 2.71 -8.49
C THR A 592 21.57 1.52 -8.31
N VAL A 593 20.42 1.57 -8.96
CA VAL A 593 19.45 0.48 -8.98
C VAL A 593 19.46 -0.11 -10.37
N ALA A 594 19.56 -1.43 -10.44
CA ALA A 594 19.44 -2.15 -11.70
C ALA A 594 18.26 -3.11 -11.61
N SER A 595 17.62 -3.32 -12.75
CA SER A 595 16.54 -4.29 -12.87
C SER A 595 16.54 -4.78 -14.30
N PRO A 596 16.06 -5.98 -14.55
CA PRO A 596 16.16 -6.53 -15.90
C PRO A 596 15.50 -5.62 -16.91
N ALA A 597 15.71 -5.85 -18.19
CA ALA A 597 14.95 -5.12 -19.19
C ALA A 597 13.48 -5.53 -19.12
N GLU A 598 12.60 -4.53 -18.99
CA GLU A 598 11.17 -4.77 -19.14
C GLU A 598 10.66 -4.52 -20.55
N THR A 599 11.51 -4.08 -21.46
CA THR A 599 11.11 -3.83 -22.84
C THR A 599 11.50 -5.03 -23.72
N GLY A 604 18.34 -8.20 -23.24
CA GLY A 604 18.81 -6.83 -23.35
C GLY A 604 19.64 -6.41 -22.17
N ALA A 605 19.93 -5.12 -22.09
CA ALA A 605 20.73 -4.61 -20.98
C ALA A 605 19.86 -4.35 -19.76
N GLU A 606 20.47 -4.46 -18.59
CA GLU A 606 19.77 -4.11 -17.36
C GLU A 606 19.28 -2.68 -17.45
N GLN A 607 18.23 -2.38 -16.71
CA GLN A 607 17.76 -1.02 -16.60
C GLN A 607 18.35 -0.40 -15.34
N THR A 608 19.22 0.57 -15.53
CA THR A 608 19.97 1.19 -14.45
C THR A 608 19.52 2.63 -14.29
N SER A 609 19.33 3.04 -13.04
CA SER A 609 19.06 4.44 -12.76
C SER A 609 19.83 4.82 -11.49
N THR A 610 20.88 5.60 -11.67
CA THR A 610 21.59 6.18 -10.54
C THR A 610 20.75 7.30 -9.96
N VAL A 611 20.78 7.43 -8.64
CA VAL A 611 20.01 8.44 -7.94
C VAL A 611 20.90 9.10 -6.91
N LYS A 612 21.16 10.40 -7.09
CA LYS A 612 21.83 11.21 -6.10
C LYS A 612 20.89 11.50 -4.95
N LEU A 613 21.39 11.37 -3.73
CA LEU A 613 20.64 11.74 -2.54
C LEU A 613 21.40 12.82 -1.81
N PRO A 614 21.12 14.11 -2.05
CA PRO A 614 21.82 15.15 -1.30
C PRO A 614 21.65 14.96 0.19
N ILE A 615 22.72 15.23 0.93
CA ILE A 615 22.73 15.11 2.38
C ILE A 615 23.29 16.40 2.94
N LYS A 616 22.60 16.98 3.90
CA LYS A 616 23.02 18.22 4.52
C LYS A 616 22.82 18.09 6.01
N VAL A 617 23.85 18.38 6.76
CA VAL A 617 23.80 18.21 8.21
C VAL A 617 24.48 19.40 8.86
N LYS A 618 24.08 19.70 10.09
CA LYS A 618 24.76 20.69 10.91
C LYS A 618 25.38 19.97 12.10
N ILE A 619 26.68 20.22 12.32
CA ILE A 619 27.47 19.55 13.34
C ILE A 619 27.81 20.54 14.44
N ILE A 620 28.09 20.01 15.64
CA ILE A 620 28.48 20.84 16.77
C ILE A 620 29.50 20.08 17.60
N PRO A 621 30.26 20.79 18.43
CA PRO A 621 31.10 20.10 19.41
C PRO A 621 30.27 19.25 20.37
N THR A 622 30.81 18.11 20.75
CA THR A 622 30.16 17.21 21.69
C THR A 622 29.77 17.96 22.96
#